data_3SP7
#
_entry.id   3SP7
#
_cell.length_a   41.627
_cell.length_b   54.891
_cell.length_c   79.569
_cell.angle_alpha   90.000
_cell.angle_beta   90.000
_cell.angle_gamma   90.000
#
_symmetry.space_group_name_H-M   'P 21 21 21'
#
loop_
_entity.id
_entity.type
_entity.pdbx_description
1 polymer 'Bcl-2-like protein 1'
2 non-polymer '5-(4-chlorophenyl)-4-{3-[4-(4-{[(4-{[(2R)-4-(dimethylamino)-1-(phenylsulfanyl)butan-2-yl]amino}-3-nitrophenyl)sulfonyl]amino}phenyl)piperazin-1-yl]phenyl}-1,2-dimethyl-1H-pyrrole-3-carboxylic acid'
3 non-polymer 'ZINC ION'
4 non-polymer 'ACETATE ION'
5 water water
#
_entity_poly.entity_id   1
_entity_poly.type   'polypeptide(L)'
_entity_poly.pdbx_seq_one_letter_code
;SEFMSQSNRELVVDFLSYKLSQKGYSWSQFSDVEENRTEAPEGTESEAVKQALREAGDEFELRYRRAFSDLTSQLHITPG
TAYQSFEQVVNELFRDGVNWGRIVAFFSFGGALCVESVDKEMQVLVSRIAAWMATYLNDHLEPWIQENGGWDTFVELYGN
NAAAESRKGQER
;
_entity_poly.pdbx_strand_id   A
#
# COMPACT_ATOMS: atom_id res chain seq x y z
N SER A 1 -15.39 -0.34 16.39
CA SER A 1 -15.64 -1.49 15.55
C SER A 1 -15.46 -1.12 14.05
N GLU A 2 -14.25 -1.36 13.47
CA GLU A 2 -13.23 -2.09 14.19
C GLU A 2 -11.98 -1.27 14.52
N PHE A 3 -11.42 -1.57 15.68
CA PHE A 3 -10.17 -0.97 16.12
C PHE A 3 -9.05 -1.22 15.07
N MET A 4 -8.93 -2.45 14.59
CA MET A 4 -7.94 -2.81 13.56
C MET A 4 -8.36 -4.14 13.00
N SER A 5 -9.12 -4.15 11.88
CA SER A 5 -9.62 -5.39 11.35
C SER A 5 -8.55 -6.25 10.72
N GLN A 6 -8.73 -7.56 10.91
CA GLN A 6 -7.84 -8.54 10.30
C GLN A 6 -7.90 -8.44 8.79
N SER A 7 -9.08 -8.13 8.21
CA SER A 7 -9.18 -8.05 6.75
C SER A 7 -8.33 -6.89 6.19
N ASN A 8 -8.23 -5.75 6.90
CA ASN A 8 -7.40 -4.63 6.45
C ASN A 8 -5.92 -4.99 6.56
N ARG A 9 -5.53 -5.67 7.66
CA ARG A 9 -4.15 -6.12 7.77
C ARG A 9 -3.83 -7.09 6.63
N GLU A 10 -4.75 -8.03 6.34
CA GLU A 10 -4.52 -9.03 5.28
CA GLU A 10 -4.52 -9.02 5.28
C GLU A 10 -4.36 -8.37 3.91
N LEU A 11 -5.19 -7.36 3.59
CA LEU A 11 -5.08 -6.70 2.28
C LEU A 11 -3.68 -6.10 2.10
N VAL A 12 -3.18 -5.45 3.14
CA VAL A 12 -1.88 -4.82 3.09
C VAL A 12 -0.78 -5.86 2.99
N VAL A 13 -0.78 -6.88 3.87
CA VAL A 13 0.30 -7.87 3.83
C VAL A 13 0.29 -8.62 2.51
N ASP A 14 -0.90 -8.95 1.95
CA ASP A 14 -0.94 -9.66 0.69
C ASP A 14 -0.35 -8.79 -0.43
N PHE A 15 -0.64 -7.48 -0.43
CA PHE A 15 -0.13 -6.63 -1.49
C PHE A 15 1.39 -6.46 -1.38
N LEU A 16 1.86 -6.17 -0.16
CA LEU A 16 3.30 -5.97 0.07
C LEU A 16 4.08 -7.25 -0.19
N SER A 17 3.53 -8.41 0.21
CA SER A 17 4.17 -9.70 -0.04
CA SER A 17 4.17 -9.69 -0.03
C SER A 17 4.34 -9.92 -1.53
N TYR A 18 3.33 -9.54 -2.33
CA TYR A 18 3.38 -9.68 -3.79
C TYR A 18 4.48 -8.79 -4.37
N LYS A 19 4.54 -7.51 -3.96
CA LYS A 19 5.55 -6.61 -4.51
C LYS A 19 6.96 -7.02 -4.11
N LEU A 20 7.13 -7.57 -2.88
CA LEU A 20 8.46 -8.05 -2.45
C LEU A 20 8.81 -9.34 -3.17
N SER A 21 7.80 -10.20 -3.48
CA SER A 21 8.05 -11.43 -4.24
CA SER A 21 8.06 -11.43 -4.23
C SER A 21 8.58 -11.09 -5.62
N GLN A 22 8.12 -9.98 -6.21
CA GLN A 22 8.58 -9.58 -7.53
C GLN A 22 10.06 -9.20 -7.50
N LYS A 23 10.60 -8.88 -6.32
CA LYS A 23 12.02 -8.58 -6.12
C LYS A 23 12.77 -9.76 -5.51
N GLY A 24 12.13 -10.94 -5.49
CA GLY A 24 12.73 -12.19 -5.04
C GLY A 24 12.73 -12.49 -3.56
N TYR A 25 11.92 -11.76 -2.76
CA TYR A 25 11.88 -11.93 -1.32
C TYR A 25 10.62 -12.58 -0.83
N SER A 26 10.73 -13.24 0.33
CA SER A 26 9.63 -13.84 1.07
C SER A 26 9.20 -12.88 2.18
N TRP A 27 7.91 -12.79 2.43
CA TRP A 27 7.39 -11.94 3.51
C TRP A 27 7.99 -12.36 4.88
N SER A 28 8.20 -13.68 5.07
CA SER A 28 8.76 -14.26 6.31
C SER A 28 10.16 -13.70 6.64
N GLN A 29 10.85 -13.07 5.67
CA GLN A 29 12.16 -12.45 5.91
C GLN A 29 12.03 -11.14 6.70
N PHE A 30 10.84 -10.52 6.68
CA PHE A 30 10.63 -9.22 7.30
C PHE A 30 9.68 -9.22 8.47
N SER A 31 8.81 -10.22 8.55
CA SER A 31 7.79 -10.29 9.60
C SER A 31 7.64 -11.68 10.17
N ASP A 32 7.49 -11.78 11.48
CA ASP A 32 7.34 -13.07 12.14
C ASP A 32 7.66 -14.22 11.18
N GLU A 45 -14.80 -14.09 -2.93
CA GLU A 45 -14.73 -12.68 -3.28
C GLU A 45 -13.44 -12.05 -2.77
N SER A 46 -12.89 -12.60 -1.66
CA SER A 46 -11.64 -12.09 -1.09
C SER A 46 -10.46 -12.31 -2.06
N GLU A 47 -10.41 -13.47 -2.75
CA GLU A 47 -9.35 -13.72 -3.73
C GLU A 47 -9.46 -12.77 -4.90
N ALA A 48 -10.68 -12.43 -5.35
CA ALA A 48 -10.86 -11.51 -6.47
C ALA A 48 -10.34 -10.10 -6.09
N VAL A 49 -10.54 -9.67 -4.82
CA VAL A 49 -10.05 -8.35 -4.40
C VAL A 49 -8.53 -8.35 -4.42
N LYS A 50 -7.89 -9.36 -3.82
CA LYS A 50 -6.44 -9.48 -3.79
C LYS A 50 -5.89 -9.40 -5.22
N GLN A 51 -6.48 -10.16 -6.15
CA GLN A 51 -5.98 -10.23 -7.52
C GLN A 51 -6.18 -8.90 -8.25
N ALA A 52 -7.34 -8.25 -8.04
CA ALA A 52 -7.57 -6.96 -8.71
C ALA A 52 -6.57 -5.93 -8.21
N LEU A 53 -6.26 -5.93 -6.92
CA LEU A 53 -5.27 -4.99 -6.36
CA LEU A 53 -5.32 -4.95 -6.41
C LEU A 53 -3.88 -5.28 -6.91
N ARG A 54 -3.51 -6.57 -7.03
CA ARG A 54 -2.20 -6.94 -7.59
C ARG A 54 -2.07 -6.38 -9.01
N GLU A 55 -3.11 -6.61 -9.82
CA GLU A 55 -3.11 -6.19 -11.22
C GLU A 55 -3.10 -4.67 -11.35
N ALA A 56 -3.93 -3.98 -10.53
CA ALA A 56 -3.98 -2.53 -10.58
C ALA A 56 -2.64 -1.92 -10.13
N GLY A 57 -2.00 -2.48 -9.11
CA GLY A 57 -0.69 -1.98 -8.69
C GLY A 57 0.36 -2.17 -9.78
N ASP A 58 0.32 -3.31 -10.50
CA ASP A 58 1.27 -3.54 -11.60
C ASP A 58 1.05 -2.51 -12.72
N GLU A 59 -0.23 -2.22 -13.04
CA GLU A 59 -0.55 -1.25 -14.08
CA GLU A 59 -0.53 -1.26 -14.09
C GLU A 59 -0.15 0.14 -13.66
N PHE A 60 -0.37 0.48 -12.38
CA PHE A 60 -0.01 1.79 -11.85
C PHE A 60 1.51 2.01 -12.08
N GLU A 61 2.34 0.99 -11.81
CA GLU A 61 3.78 1.16 -12.02
C GLU A 61 4.11 1.37 -13.49
N LEU A 62 3.43 0.68 -14.40
CA LEU A 62 3.71 0.92 -15.82
C LEU A 62 3.36 2.33 -16.24
N ARG A 63 2.27 2.90 -15.70
CA ARG A 63 1.79 4.22 -16.12
C ARG A 63 2.49 5.37 -15.41
N TYR A 64 2.93 5.15 -14.16
CA TYR A 64 3.46 6.23 -13.33
C TYR A 64 4.84 5.88 -12.80
N ARG A 65 5.59 5.12 -13.61
CA ARG A 65 6.92 4.66 -13.26
C ARG A 65 7.87 5.74 -12.73
N ARG A 66 7.77 6.97 -13.26
CA ARG A 66 8.70 8.03 -12.84
CA ARG A 66 8.70 8.04 -12.84
C ARG A 66 8.61 8.34 -11.34
N ALA A 67 7.49 8.01 -10.68
CA ALA A 67 7.31 8.27 -9.25
C ALA A 67 8.06 7.27 -8.38
N PHE A 68 8.51 6.16 -8.96
CA PHE A 68 9.21 5.10 -8.22
C PHE A 68 10.70 5.44 -8.12
N SER A 69 11.02 6.48 -7.35
CA SER A 69 12.39 6.95 -7.16
C SER A 69 12.90 6.64 -5.72
N ASP A 70 13.97 7.31 -5.27
CA ASP A 70 14.59 7.07 -3.95
C ASP A 70 13.68 7.62 -2.84
N LEU A 71 12.52 6.98 -2.63
CA LEU A 71 11.51 7.50 -1.69
C LEU A 71 12.03 7.66 -0.27
N THR A 72 12.87 6.73 0.22
CA THR A 72 13.29 6.82 1.62
C THR A 72 14.25 8.02 1.81
N SER A 73 15.05 8.38 0.79
CA SER A 73 15.93 9.54 0.90
C SER A 73 15.11 10.84 0.76
N GLN A 74 14.17 10.88 -0.20
CA GLN A 74 13.33 12.05 -0.45
C GLN A 74 12.44 12.38 0.74
N LEU A 75 11.96 11.34 1.46
CA LEU A 75 11.05 11.55 2.59
C LEU A 75 11.75 11.41 3.94
N HIS A 76 13.12 11.24 3.94
CA HIS A 76 13.94 11.08 5.16
CA HIS A 76 13.92 11.10 5.16
C HIS A 76 13.32 10.00 6.07
N ILE A 77 13.02 8.83 5.48
CA ILE A 77 12.45 7.68 6.22
C ILE A 77 13.61 6.88 6.75
N THR A 78 13.67 6.70 8.08
CA THR A 78 14.76 6.00 8.74
C THR A 78 14.22 5.07 9.83
N PRO A 79 15.08 4.30 10.54
CA PRO A 79 14.57 3.52 11.68
C PRO A 79 14.06 4.38 12.84
N GLY A 80 14.19 5.70 12.76
CA GLY A 80 13.65 6.62 13.74
C GLY A 80 12.29 7.18 13.35
N THR A 81 11.86 6.97 12.09
CA THR A 81 10.58 7.48 11.60
C THR A 81 9.39 6.89 12.37
N ALA A 82 8.43 7.74 12.73
CA ALA A 82 7.22 7.33 13.41
C ALA A 82 6.00 7.51 12.49
N TYR A 83 4.88 6.95 12.92
CA TYR A 83 3.64 6.93 12.14
C TYR A 83 3.23 8.28 11.58
N GLN A 84 3.29 9.37 12.38
CA GLN A 84 2.79 10.63 11.87
C GLN A 84 3.56 11.13 10.63
N SER A 85 4.84 10.76 10.43
CA SER A 85 5.57 11.16 9.21
C SER A 85 4.96 10.46 7.98
N PHE A 86 4.61 9.17 8.15
CA PHE A 86 3.99 8.41 7.08
C PHE A 86 2.60 9.01 6.81
N GLU A 87 1.85 9.30 7.86
CA GLU A 87 0.51 9.88 7.67
C GLU A 87 0.57 11.22 6.93
N GLN A 88 1.58 12.05 7.19
CA GLN A 88 1.62 13.33 6.50
CA GLN A 88 1.68 13.34 6.51
C GLN A 88 1.79 13.16 5.00
N VAL A 89 2.63 12.20 4.55
CA VAL A 89 2.81 11.93 3.12
CA VAL A 89 2.79 12.04 3.11
C VAL A 89 1.53 11.36 2.51
N VAL A 90 0.91 10.40 3.19
CA VAL A 90 -0.26 9.78 2.60
C VAL A 90 -1.43 10.80 2.61
N ASN A 91 -1.53 11.68 3.63
CA ASN A 91 -2.57 12.70 3.61
C ASN A 91 -2.37 13.61 2.40
N GLU A 92 -1.09 13.86 1.98
CA GLU A 92 -0.84 14.65 0.76
C GLU A 92 -1.42 13.89 -0.45
N LEU A 93 -1.17 12.57 -0.53
CA LEU A 93 -1.70 11.78 -1.64
C LEU A 93 -3.24 11.94 -1.72
N PHE A 94 -3.92 11.95 -0.56
CA PHE A 94 -5.37 12.09 -0.51
C PHE A 94 -5.85 13.51 -0.21
N ARG A 95 -5.01 14.55 -0.47
CA ARG A 95 -5.36 15.93 -0.11
C ARG A 95 -6.66 16.41 -0.76
N ASP A 96 -6.97 15.93 -1.97
CA ASP A 96 -8.20 16.34 -2.65
C ASP A 96 -9.32 15.32 -2.54
N GLY A 97 -9.17 14.39 -1.59
CA GLY A 97 -10.18 13.37 -1.36
C GLY A 97 -9.78 11.99 -1.84
N VAL A 98 -10.63 11.03 -1.56
CA VAL A 98 -10.37 9.65 -1.89
C VAL A 98 -11.08 9.26 -3.19
N ASN A 99 -10.42 8.40 -3.98
CA ASN A 99 -11.03 7.76 -5.15
C ASN A 99 -10.27 6.44 -5.34
N TRP A 100 -10.76 5.54 -6.19
CA TRP A 100 -10.12 4.25 -6.33
C TRP A 100 -8.67 4.34 -6.82
N GLY A 101 -8.42 5.19 -7.82
CA GLY A 101 -7.05 5.32 -8.33
C GLY A 101 -6.06 5.78 -7.27
N ARG A 102 -6.52 6.70 -6.39
CA ARG A 102 -5.64 7.18 -5.33
CA ARG A 102 -5.69 7.19 -5.29
C ARG A 102 -5.42 6.04 -4.29
N ILE A 103 -6.42 5.16 -4.07
CA ILE A 103 -6.21 4.02 -3.16
C ILE A 103 -5.16 3.07 -3.78
N VAL A 104 -5.21 2.83 -5.11
CA VAL A 104 -4.22 1.98 -5.72
C VAL A 104 -2.83 2.65 -5.59
N ALA A 105 -2.77 3.99 -5.78
CA ALA A 105 -1.51 4.73 -5.63
C ALA A 105 -0.95 4.59 -4.20
N PHE A 106 -1.84 4.55 -3.18
CA PHE A 106 -1.45 4.37 -1.78
C PHE A 106 -0.84 3.00 -1.57
N PHE A 107 -1.47 1.92 -2.09
CA PHE A 107 -0.87 0.60 -1.94
C PHE A 107 0.47 0.57 -2.64
N SER A 108 0.52 1.13 -3.85
CA SER A 108 1.75 1.13 -4.64
C SER A 108 2.88 1.88 -3.92
N PHE A 109 2.54 3.02 -3.29
CA PHE A 109 3.51 3.80 -2.53
C PHE A 109 4.11 2.95 -1.39
N GLY A 110 3.26 2.28 -0.63
CA GLY A 110 3.73 1.40 0.44
C GLY A 110 4.62 0.27 -0.07
N GLY A 111 4.25 -0.33 -1.19
CA GLY A 111 5.07 -1.37 -1.80
C GLY A 111 6.45 -0.85 -2.18
N ALA A 112 6.48 0.33 -2.85
CA ALA A 112 7.73 0.94 -3.27
C ALA A 112 8.57 1.35 -2.06
N LEU A 113 7.93 1.83 -0.98
CA LEU A 113 8.68 2.23 0.22
C LEU A 113 9.32 1.00 0.84
N CYS A 114 8.63 -0.15 0.85
CA CYS A 114 9.19 -1.42 1.35
C CYS A 114 10.38 -1.86 0.51
N VAL A 115 10.22 -1.90 -0.84
CA VAL A 115 11.28 -2.32 -1.72
C VAL A 115 12.53 -1.44 -1.53
N GLU A 116 12.33 -0.10 -1.43
CA GLU A 116 13.43 0.86 -1.27
C GLU A 116 14.11 0.68 0.10
N SER A 117 13.32 0.41 1.15
CA SER A 117 13.88 0.19 2.49
C SER A 117 14.78 -1.00 2.51
N VAL A 118 14.39 -2.12 1.85
CA VAL A 118 15.20 -3.33 1.76
C VAL A 118 16.51 -3.00 1.00
N ASP A 119 16.41 -2.25 -0.12
CA ASP A 119 17.57 -1.84 -0.91
C ASP A 119 18.57 -0.97 -0.13
N LYS A 120 18.07 -0.15 0.79
CA LYS A 120 18.87 0.80 1.56
C LYS A 120 19.33 0.21 2.89
N GLU A 121 19.24 -1.13 3.03
CA GLU A 121 19.62 -1.88 4.23
C GLU A 121 18.87 -1.40 5.47
N MET A 122 17.56 -1.15 5.29
CA MET A 122 16.66 -0.78 6.37
C MET A 122 15.47 -1.73 6.35
N GLN A 123 15.76 -3.04 6.34
CA GLN A 123 14.77 -4.13 6.35
CA GLN A 123 14.73 -4.08 6.30
C GLN A 123 13.77 -3.97 7.50
N VAL A 124 14.23 -3.39 8.62
CA VAL A 124 13.42 -3.20 9.82
C VAL A 124 12.16 -2.36 9.50
N LEU A 125 12.22 -1.52 8.45
CA LEU A 125 11.08 -0.66 8.11
C LEU A 125 9.91 -1.42 7.51
N VAL A 126 10.12 -2.62 6.92
CA VAL A 126 9.06 -3.29 6.17
C VAL A 126 7.85 -3.60 7.06
N SER A 127 8.05 -4.27 8.21
CA SER A 127 6.90 -4.56 9.04
C SER A 127 6.22 -3.29 9.59
N ARG A 128 7.01 -2.23 9.78
CA ARG A 128 6.49 -0.95 10.27
C ARG A 128 5.62 -0.31 9.21
N ILE A 129 6.09 -0.28 7.95
CA ILE A 129 5.28 0.27 6.88
C ILE A 129 3.99 -0.53 6.75
N ALA A 130 4.03 -1.89 6.87
CA ALA A 130 2.81 -2.68 6.82
C ALA A 130 1.83 -2.23 7.90
N ALA A 131 2.32 -2.03 9.13
CA ALA A 131 1.44 -1.60 10.20
C ALA A 131 0.87 -0.19 9.96
N TRP A 132 1.71 0.74 9.49
CA TRP A 132 1.26 2.11 9.18
C TRP A 132 0.21 2.13 8.08
N MET A 133 0.44 1.30 7.03
CA MET A 133 -0.54 1.21 5.95
C MET A 133 -1.84 0.62 6.44
N ALA A 134 -1.78 -0.49 7.21
CA ALA A 134 -3.02 -1.12 7.69
C ALA A 134 -3.80 -0.15 8.60
N THR A 135 -3.09 0.65 9.41
CA THR A 135 -3.71 1.66 10.28
C THR A 135 -4.39 2.72 9.43
N TYR A 136 -3.67 3.25 8.42
CA TYR A 136 -4.28 4.31 7.60
C TYR A 136 -5.48 3.78 6.81
N LEU A 137 -5.35 2.58 6.27
CA LEU A 137 -6.45 1.96 5.54
C LEU A 137 -7.66 1.78 6.47
N ASN A 138 -7.43 1.23 7.67
CA ASN A 138 -8.52 0.98 8.61
C ASN A 138 -9.22 2.28 9.02
N ASP A 139 -8.42 3.30 9.34
CA ASP A 139 -8.93 4.51 9.97
C ASP A 139 -9.39 5.57 8.98
N HIS A 140 -8.69 5.73 7.86
CA HIS A 140 -8.98 6.85 6.97
C HIS A 140 -9.46 6.45 5.58
N LEU A 141 -9.38 5.18 5.20
CA LEU A 141 -9.84 4.79 3.86
C LEU A 141 -11.05 3.87 3.91
N GLU A 142 -11.11 2.92 4.86
CA GLU A 142 -12.24 1.99 4.93
CA GLU A 142 -12.24 2.00 5.00
C GLU A 142 -13.58 2.74 5.00
N PRO A 143 -13.78 3.87 5.73
CA PRO A 143 -15.11 4.50 5.71
C PRO A 143 -15.52 4.90 4.29
N TRP A 144 -14.60 5.48 3.50
CA TRP A 144 -14.88 5.85 2.13
C TRP A 144 -15.18 4.60 1.31
N ILE A 145 -14.36 3.58 1.43
CA ILE A 145 -14.55 2.34 0.66
C ILE A 145 -15.94 1.76 0.88
N GLN A 146 -16.37 1.66 2.14
CA GLN A 146 -17.69 1.11 2.42
C GLN A 146 -18.80 2.02 1.89
N GLU A 147 -18.63 3.35 2.01
CA GLU A 147 -19.65 4.30 1.51
C GLU A 147 -19.75 4.26 0.00
N ASN A 148 -18.65 3.88 -0.68
CA ASN A 148 -18.57 3.88 -2.13
C ASN A 148 -18.66 2.49 -2.73
N GLY A 149 -19.37 1.62 -2.00
CA GLY A 149 -19.73 0.32 -2.57
C GLY A 149 -18.92 -0.89 -2.17
N GLY A 150 -17.85 -0.69 -1.37
CA GLY A 150 -17.02 -1.79 -0.93
C GLY A 150 -16.02 -2.25 -1.97
N TRP A 151 -15.09 -3.09 -1.55
CA TRP A 151 -14.05 -3.61 -2.43
C TRP A 151 -14.61 -4.40 -3.63
N ASP A 152 -15.77 -5.05 -3.51
CA ASP A 152 -16.31 -5.77 -4.66
C ASP A 152 -16.72 -4.81 -5.79
N THR A 153 -16.99 -3.53 -5.45
CA THR A 153 -17.27 -2.53 -6.49
C THR A 153 -15.97 -2.25 -7.27
N PHE A 154 -14.84 -2.09 -6.55
CA PHE A 154 -13.56 -1.92 -7.23
C PHE A 154 -13.25 -3.10 -8.15
N VAL A 155 -13.48 -4.36 -7.70
CA VAL A 155 -13.22 -5.55 -8.52
C VAL A 155 -14.02 -5.45 -9.82
N GLU A 156 -15.31 -5.08 -9.71
CA GLU A 156 -16.15 -4.93 -10.87
C GLU A 156 -15.65 -3.82 -11.84
N LEU A 157 -15.31 -2.64 -11.29
CA LEU A 157 -14.87 -1.51 -12.13
C LEU A 157 -13.57 -1.83 -12.84
N TYR A 158 -12.63 -2.40 -12.09
CA TYR A 158 -11.33 -2.73 -12.64
C TYR A 158 -11.46 -3.81 -13.72
N GLY A 159 -12.18 -4.88 -13.41
CA GLY A 159 -12.39 -6.00 -14.33
C GLY A 159 -13.10 -5.61 -15.62
N ASN A 160 -14.03 -4.66 -15.53
CA ASN A 160 -14.80 -4.24 -16.69
C ASN A 160 -14.01 -3.32 -17.57
N ASN A 161 -13.14 -2.47 -16.98
CA ASN A 161 -12.26 -1.59 -17.74
C ASN A 161 -11.23 -2.52 -18.44
N ALA A 162 -10.81 -3.62 -17.74
CA ALA A 162 -9.88 -4.62 -18.28
C ALA A 162 -10.51 -5.44 -19.40
#